data_4KDX
#
_entry.id   4KDX
#
_cell.length_a   65.844
_cell.length_b   56.107
_cell.length_c   67.317
_cell.angle_alpha   90.00
_cell.angle_beta   108.38
_cell.angle_gamma   90.00
#
_symmetry.space_group_name_H-M   'P 1 21 1'
#
loop_
_entity.id
_entity.type
_entity.pdbx_description
1 polymer 'Glutathione S-transferase domain'
2 non-polymer GLUTATHIONE
3 non-polymer GLYCEROL
4 water water
#
_entity_poly.entity_id   1
_entity_poly.type   'polypeptide(L)'
_entity_poly.pdbx_seq_one_letter_code
;MHHHHHHSSGVDLGTENLYFQSMLQILGKPTSINVRKVLWTCAELGLAFEREDWGAGFRPTNVPEFLALNPNAMVPVIRD
GDFVLWESNSIIRYLAGRYGGEWLYPADARERARCDQWIDWQASELNRSWSYAFLALVRQSPAHRDAQQIEASRANWAKH
MAIVEGQLQRTGAFIAGDAFSLADIPIALSINRWLETPIARDDLPAVDAYMTRLASRDAYREYCRNGTP
;
_entity_poly.pdbx_strand_id   A,B
#
loop_
_chem_comp.id
_chem_comp.type
_chem_comp.name
_chem_comp.formula
GOL non-polymer GLYCEROL 'C3 H8 O3'
GSH non-polymer GLUTATHIONE 'C10 H17 N3 O6 S'
#
# COMPACT_ATOMS: atom_id res chain seq x y z
N MET A 23 -12.36 -23.57 -10.20
CA MET A 23 -12.96 -22.22 -10.01
C MET A 23 -12.14 -21.43 -8.99
N LEU A 24 -11.89 -20.19 -9.32
CA LEU A 24 -11.23 -19.27 -8.43
C LEU A 24 -11.91 -19.30 -7.06
N GLN A 25 -11.10 -19.41 -6.00
CA GLN A 25 -11.60 -19.39 -4.64
C GLN A 25 -11.21 -18.10 -3.94
N ILE A 26 -12.20 -17.45 -3.35
CA ILE A 26 -11.99 -16.24 -2.59
C ILE A 26 -12.27 -16.55 -1.13
N LEU A 27 -11.27 -16.41 -0.27
CA LEU A 27 -11.43 -16.64 1.16
C LEU A 27 -11.60 -15.29 1.83
N GLY A 28 -12.76 -15.07 2.40
CA GLY A 28 -13.01 -13.86 3.15
C GLY A 28 -14.49 -13.55 3.27
N LYS A 29 -14.87 -13.10 4.46
CA LYS A 29 -16.20 -12.64 4.72
C LYS A 29 -16.58 -11.50 3.76
N PRO A 30 -17.86 -11.43 3.40
CA PRO A 30 -18.28 -10.52 2.33
C PRO A 30 -18.38 -9.06 2.79
N THR A 31 -18.34 -8.83 4.09
CA THR A 31 -18.44 -7.49 4.63
C THR A 31 -17.11 -6.74 4.66
N SER A 32 -16.00 -7.47 4.54
CA SER A 32 -14.67 -6.87 4.60
C SER A 32 -14.42 -5.96 3.39
N ILE A 33 -13.94 -4.77 3.66
CA ILE A 33 -13.69 -3.80 2.58
C ILE A 33 -12.68 -4.37 1.60
N ASN A 34 -11.66 -5.05 2.11
CA ASN A 34 -10.60 -5.56 1.28
C ASN A 34 -11.06 -6.78 0.48
N VAL A 35 -11.92 -7.61 1.07
CA VAL A 35 -12.56 -8.67 0.30
C VAL A 35 -13.47 -8.10 -0.79
N ARG A 36 -14.19 -7.03 -0.46
CA ARG A 36 -15.07 -6.39 -1.44
C ARG A 36 -14.31 -5.82 -2.64
N LYS A 37 -13.08 -5.39 -2.44
CA LYS A 37 -12.27 -4.98 -3.58
C LYS A 37 -12.17 -6.14 -4.56
N VAL A 38 -11.90 -7.32 -4.04
CA VAL A 38 -11.68 -8.51 -4.87
C VAL A 38 -12.99 -8.95 -5.52
N LEU A 39 -14.07 -9.02 -4.75
CA LEU A 39 -15.37 -9.38 -5.31
C LEU A 39 -15.79 -8.42 -6.42
N TRP A 40 -15.64 -7.12 -6.20
CA TRP A 40 -16.03 -6.16 -7.21
C TRP A 40 -15.19 -6.39 -8.47
N THR A 41 -13.89 -6.59 -8.29
CA THR A 41 -12.99 -6.79 -9.43
C THR A 41 -13.41 -8.03 -10.22
N CYS A 42 -13.76 -9.11 -9.52
CA CYS A 42 -14.15 -10.34 -10.19
C CYS A 42 -15.37 -10.08 -11.02
N ALA A 43 -16.37 -9.39 -10.47
CA ALA A 43 -17.60 -9.11 -11.18
C ALA A 43 -17.38 -8.22 -12.39
N GLU A 44 -16.54 -7.20 -12.26
CA GLU A 44 -16.20 -6.32 -13.38
C GLU A 44 -15.53 -7.08 -14.52
N LEU A 45 -14.60 -7.96 -14.17
CA LEU A 45 -13.87 -8.67 -15.20
C LEU A 45 -14.67 -9.77 -15.88
N GLY A 46 -15.69 -10.31 -15.21
CA GLY A 46 -16.44 -11.44 -15.69
C GLY A 46 -15.92 -12.80 -15.23
N LEU A 47 -15.53 -12.90 -13.96
CA LEU A 47 -15.00 -14.16 -13.41
C LEU A 47 -16.02 -14.93 -12.63
N ALA A 48 -15.96 -16.25 -12.75
CA ALA A 48 -16.70 -17.15 -11.88
C ALA A 48 -15.82 -17.37 -10.65
N PHE A 49 -16.45 -17.45 -9.48
CA PHE A 49 -15.71 -17.66 -8.24
C PHE A 49 -16.59 -18.32 -7.19
N GLU A 50 -15.94 -18.97 -6.24
CA GLU A 50 -16.59 -19.48 -5.04
C GLU A 50 -16.00 -18.71 -3.88
N ARG A 51 -16.84 -18.33 -2.92
CA ARG A 51 -16.35 -17.57 -1.78
C ARG A 51 -16.61 -18.32 -0.48
N GLU A 52 -15.59 -18.42 0.37
CA GLU A 52 -15.70 -18.97 1.72
C GLU A 52 -15.60 -17.88 2.76
N ASP A 53 -16.46 -17.96 3.76
CA ASP A 53 -16.44 -17.00 4.85
C ASP A 53 -15.26 -17.25 5.79
N TRP A 54 -14.41 -16.25 5.95
CA TRP A 54 -13.29 -16.27 6.88
C TRP A 54 -13.15 -14.88 7.46
N GLY A 55 -12.72 -14.79 8.71
CA GLY A 55 -12.51 -13.51 9.36
C GLY A 55 -13.34 -13.38 10.61
N ALA A 56 -13.03 -12.37 11.41
CA ALA A 56 -13.74 -12.11 12.66
C ALA A 56 -15.25 -12.06 12.43
N GLY A 57 -15.99 -12.77 13.26
CA GLY A 57 -17.45 -12.87 13.14
C GLY A 57 -17.90 -14.00 12.26
N PHE A 58 -16.92 -14.58 11.59
N PHE A 58 -16.99 -14.66 11.54
CA PHE A 58 -17.06 -15.76 10.78
CA PHE A 58 -17.39 -15.63 10.50
C PHE A 58 -15.90 -16.69 11.16
C PHE A 58 -16.72 -17.03 10.60
N ARG A 59 -15.55 -17.60 10.27
N ARG A 59 -15.42 -17.11 10.38
CA ARG A 59 -14.52 -18.58 10.53
CA ARG A 59 -14.63 -18.31 10.67
C ARG A 59 -13.20 -17.93 10.99
C ARG A 59 -13.23 -17.86 11.04
N PRO A 60 -12.76 -18.23 12.23
CA PRO A 60 -11.44 -17.70 12.65
C PRO A 60 -10.27 -18.07 11.75
N THR A 61 -9.42 -17.08 11.47
CA THR A 61 -8.30 -17.25 10.56
C THR A 61 -7.02 -17.73 11.27
N ASN A 62 -6.94 -17.59 12.59
CA ASN A 62 -5.73 -17.98 13.31
C ASN A 62 -5.72 -19.47 13.62
N VAL A 63 -5.68 -20.26 12.55
CA VAL A 63 -5.64 -21.72 12.61
C VAL A 63 -4.62 -22.18 11.58
N PRO A 64 -4.01 -23.36 11.80
CA PRO A 64 -2.88 -23.76 10.93
C PRO A 64 -3.22 -23.79 9.45
N GLU A 65 -4.41 -24.27 9.08
CA GLU A 65 -4.79 -24.41 7.68
C GLU A 65 -4.80 -23.05 6.98
N PHE A 66 -5.21 -22.00 7.70
CA PHE A 66 -5.31 -20.69 7.10
C PHE A 66 -3.95 -19.99 7.13
N LEU A 67 -3.24 -20.11 8.24
CA LEU A 67 -1.92 -19.50 8.37
C LEU A 67 -0.98 -20.03 7.29
N ALA A 68 -1.14 -21.28 6.89
CA ALA A 68 -0.31 -21.85 5.81
C ALA A 68 -0.54 -21.12 4.49
N LEU A 69 -1.74 -20.58 4.29
CA LEU A 69 -2.05 -19.78 3.09
C LEU A 69 -1.62 -18.32 3.23
N ASN A 70 -1.80 -17.76 4.42
CA ASN A 70 -1.48 -16.36 4.68
C ASN A 70 -1.01 -16.19 6.12
N PRO A 71 0.30 -15.97 6.31
CA PRO A 71 0.87 -15.85 7.68
C PRO A 71 0.31 -14.66 8.44
N ASN A 72 -0.31 -13.72 7.75
CA ASN A 72 -0.97 -12.57 8.39
C ASN A 72 -2.29 -12.92 9.04
N ALA A 73 -2.85 -14.08 8.68
CA ALA A 73 -4.17 -14.48 9.19
C ALA A 73 -5.22 -13.42 8.88
N MET A 74 -5.14 -12.84 7.70
CA MET A 74 -6.13 -11.89 7.26
C MET A 74 -6.74 -12.26 5.94
N VAL A 75 -7.89 -11.64 5.67
CA VAL A 75 -8.60 -11.78 4.41
C VAL A 75 -8.55 -10.47 3.61
N PRO A 76 -8.58 -10.54 2.28
CA PRO A 76 -8.77 -11.73 1.44
C PRO A 76 -7.52 -12.53 1.17
N VAL A 77 -7.73 -13.81 0.86
CA VAL A 77 -6.76 -14.68 0.21
C VAL A 77 -7.47 -15.27 -0.99
N ILE A 78 -6.77 -15.46 -2.09
CA ILE A 78 -7.33 -16.23 -3.20
C ILE A 78 -6.51 -17.47 -3.46
N ARG A 79 -7.18 -18.46 -4.02
CA ARG A 79 -6.53 -19.64 -4.57
C ARG A 79 -7.01 -19.74 -6.00
N ASP A 80 -6.06 -19.64 -6.93
CA ASP A 80 -6.37 -19.75 -8.35
C ASP A 80 -5.60 -20.95 -8.84
N GLY A 81 -6.25 -22.10 -8.91
CA GLY A 81 -5.53 -23.34 -9.18
C GLY A 81 -4.57 -23.58 -8.02
N ASP A 82 -3.30 -23.77 -8.34
CA ASP A 82 -2.30 -24.00 -7.29
C ASP A 82 -1.64 -22.70 -6.81
N PHE A 83 -2.10 -21.58 -7.34
CA PHE A 83 -1.54 -20.26 -7.00
C PHE A 83 -2.30 -19.63 -5.85
N VAL A 84 -1.58 -19.31 -4.77
CA VAL A 84 -2.15 -18.68 -3.58
C VAL A 84 -1.61 -17.25 -3.46
N LEU A 85 -2.49 -16.29 -3.24
CA LEU A 85 -2.10 -14.87 -3.18
C LEU A 85 -2.92 -14.16 -2.12
N TRP A 86 -2.25 -13.32 -1.34
CA TRP A 86 -2.92 -12.45 -0.39
C TRP A 86 -2.48 -11.00 -0.65
N GLU A 87 -3.07 -10.07 0.10
CA GLU A 87 -2.94 -8.60 -0.04
C GLU A 87 -3.90 -8.12 -1.13
N SER A 88 -4.99 -7.48 -0.71
CA SER A 88 -6.08 -7.14 -1.63
C SER A 88 -5.65 -6.38 -2.87
N ASN A 89 -4.86 -5.33 -2.73
CA ASN A 89 -4.49 -4.56 -3.94
C ASN A 89 -3.64 -5.39 -4.89
N SER A 90 -2.83 -6.31 -4.36
CA SER A 90 -2.05 -7.20 -5.20
C SER A 90 -2.95 -8.17 -5.94
N ILE A 91 -3.97 -8.67 -5.23
CA ILE A 91 -4.94 -9.59 -5.80
C ILE A 91 -5.71 -8.92 -6.96
N ILE A 92 -6.22 -7.71 -6.75
CA ILE A 92 -7.00 -7.11 -7.84
C ILE A 92 -6.12 -6.81 -9.04
N ARG A 93 -4.86 -6.44 -8.84
CA ARG A 93 -3.92 -6.27 -9.93
C ARG A 93 -3.71 -7.60 -10.68
N TYR A 94 -3.54 -8.68 -9.93
CA TYR A 94 -3.33 -9.99 -10.50
C TYR A 94 -4.53 -10.38 -11.36
N LEU A 95 -5.74 -10.23 -10.82
CA LEU A 95 -6.92 -10.62 -11.57
C LEU A 95 -7.06 -9.82 -12.87
N ALA A 96 -6.85 -8.50 -12.80
CA ALA A 96 -6.94 -7.69 -14.00
C ALA A 96 -5.87 -8.03 -15.01
N GLY A 97 -4.69 -8.42 -14.57
CA GLY A 97 -3.62 -8.80 -15.47
C GLY A 97 -3.82 -10.18 -16.07
N ARG A 98 -4.43 -11.09 -15.31
CA ARG A 98 -4.58 -12.48 -15.69
C ARG A 98 -5.81 -12.71 -16.57
N TYR A 99 -6.88 -11.93 -16.33
CA TYR A 99 -8.20 -12.25 -16.89
C TYR A 99 -8.77 -11.23 -17.84
N GLY A 100 -7.95 -10.82 -18.80
CA GLY A 100 -8.38 -9.93 -19.86
C GLY A 100 -8.83 -8.57 -19.40
N GLY A 101 -8.15 -8.07 -18.39
CA GLY A 101 -8.51 -6.82 -17.73
C GLY A 101 -7.73 -5.62 -18.22
N GLU A 102 -7.17 -5.66 -19.42
CA GLU A 102 -6.41 -4.52 -19.91
C GLU A 102 -7.29 -3.29 -20.08
N TRP A 103 -8.60 -3.48 -20.25
CA TRP A 103 -9.53 -2.37 -20.33
C TRP A 103 -9.69 -1.66 -18.98
N LEU A 104 -9.43 -2.39 -17.90
CA LEU A 104 -9.63 -1.92 -16.53
C LEU A 104 -8.34 -1.43 -15.90
N TYR A 105 -7.23 -2.05 -16.28
CA TYR A 105 -5.91 -1.75 -15.74
C TYR A 105 -4.97 -1.73 -16.92
N PRO A 106 -4.83 -0.55 -17.56
CA PRO A 106 -4.15 -0.47 -18.84
C PRO A 106 -2.68 -0.83 -18.77
N ALA A 107 -2.11 -1.43 -19.82
CA ALA A 107 -0.72 -1.85 -19.81
C ALA A 107 0.26 -0.70 -20.04
N ASP A 108 -0.16 0.36 -20.71
CA ASP A 108 0.74 1.49 -20.93
C ASP A 108 1.28 1.99 -19.59
N ALA A 109 2.58 2.22 -19.49
CA ALA A 109 3.17 2.52 -18.18
C ALA A 109 2.63 3.82 -17.57
N ARG A 110 2.45 4.87 -18.37
CA ARG A 110 1.93 6.11 -17.79
C ARG A 110 0.48 5.97 -17.37
N GLU A 111 -0.33 5.32 -18.18
CA GLU A 111 -1.73 5.15 -17.83
C GLU A 111 -1.85 4.28 -16.58
N ARG A 112 -1.03 3.23 -16.53
CA ARG A 112 -1.03 2.35 -15.36
C ARG A 112 -0.59 3.11 -14.10
N ALA A 113 0.41 3.98 -14.24
CA ALA A 113 0.89 4.77 -13.12
C ALA A 113 -0.19 5.70 -12.56
N ARG A 114 -1.00 6.29 -13.43
CA ARG A 114 -2.08 7.12 -12.98
C ARG A 114 -3.05 6.31 -12.10
N CYS A 115 -3.24 5.04 -12.41
CA CYS A 115 -4.04 4.16 -11.56
C CYS A 115 -3.32 3.79 -10.29
N ASP A 116 -2.06 3.38 -10.41
CA ASP A 116 -1.28 2.91 -9.28
C ASP A 116 -1.19 3.97 -8.17
N GLN A 117 -0.96 5.22 -8.52
CA GLN A 117 -0.83 6.28 -7.52
C GLN A 117 -2.00 6.25 -6.53
N TRP A 118 -3.21 6.11 -7.05
CA TRP A 118 -4.40 6.09 -6.19
C TRP A 118 -4.63 4.76 -5.48
N ILE A 119 -4.34 3.64 -6.15
CA ILE A 119 -4.40 2.34 -5.51
C ILE A 119 -3.47 2.29 -4.31
N ASP A 120 -2.23 2.71 -4.55
CA ASP A 120 -1.20 2.59 -3.55
C ASP A 120 -1.43 3.58 -2.41
N TRP A 121 -1.87 4.80 -2.73
CA TRP A 121 -2.16 5.80 -1.71
C TRP A 121 -3.36 5.38 -0.88
N GLN A 122 -4.33 4.74 -1.52
CA GLN A 122 -5.50 4.25 -0.78
C GLN A 122 -5.06 3.34 0.35
N ALA A 123 -4.10 2.47 0.06
CA ALA A 123 -3.68 1.49 1.03
C ALA A 123 -2.68 2.01 2.04
N SER A 124 -1.78 2.91 1.61
CA SER A 124 -0.72 3.35 2.48
C SER A 124 -1.10 4.54 3.36
N GLU A 125 -2.03 5.36 2.85
CA GLU A 125 -2.39 6.62 3.52
C GLU A 125 -3.86 6.68 3.94
N LEU A 126 -4.77 6.48 2.99
CA LEU A 126 -6.19 6.68 3.29
C LEU A 126 -6.69 5.64 4.29
N ASN A 127 -6.44 4.35 4.03
CA ASN A 127 -6.78 3.29 4.96
C ASN A 127 -6.22 3.51 6.35
N ARG A 128 -4.95 3.92 6.40
CA ARG A 128 -4.27 4.14 7.65
C ARG A 128 -4.98 5.22 8.48
N SER A 129 -5.49 6.24 7.81
CA SER A 129 -6.03 7.40 8.51
C SER A 129 -7.32 7.09 9.27
N TRP A 130 -8.12 6.15 8.78
CA TRP A 130 -9.44 5.92 9.36
C TRP A 130 -9.46 4.92 10.53
N SER A 131 -8.33 4.32 10.83
CA SER A 131 -8.28 3.18 11.73
C SER A 131 -9.04 3.36 13.05
N TYR A 132 -8.64 4.33 13.86
CA TYR A 132 -9.23 4.45 15.19
C TYR A 132 -10.72 4.82 15.14
N ALA A 133 -11.08 5.76 14.29
CA ALA A 133 -12.47 6.20 14.24
C ALA A 133 -13.37 5.05 13.78
N PHE A 134 -12.90 4.30 12.78
CA PHE A 134 -13.69 3.19 12.27
C PHE A 134 -13.83 2.10 13.34
N LEU A 135 -12.73 1.70 13.96
CA LEU A 135 -12.81 0.64 14.99
C LEU A 135 -13.68 1.06 16.18
N ALA A 136 -13.61 2.33 16.56
CA ALA A 136 -14.40 2.84 17.68
C ALA A 136 -15.89 2.97 17.36
N LEU A 137 -16.19 3.53 16.19
CA LEU A 137 -17.57 3.94 15.89
C LEU A 137 -18.37 2.88 15.13
N VAL A 138 -17.70 2.12 14.26
CA VAL A 138 -18.42 1.10 13.51
C VAL A 138 -18.27 -0.26 14.18
N ARG A 139 -17.04 -0.67 14.51
CA ARG A 139 -16.85 -1.97 15.15
C ARG A 139 -17.20 -1.95 16.64
N GLN A 140 -17.32 -0.74 17.20
CA GLN A 140 -17.59 -0.59 18.63
C GLN A 140 -16.59 -1.41 19.43
N SER A 141 -15.33 -1.35 19.02
CA SER A 141 -14.26 -2.06 19.70
C SER A 141 -14.14 -1.59 21.14
N PRO A 142 -14.24 -2.51 22.11
CA PRO A 142 -14.07 -2.13 23.51
C PRO A 142 -12.68 -1.53 23.77
N ALA A 143 -11.73 -1.84 22.89
CA ALA A 143 -10.35 -1.35 23.00
C ALA A 143 -10.14 0.06 22.44
N HIS A 144 -11.12 0.58 21.70
CA HIS A 144 -10.98 1.91 21.09
C HIS A 144 -12.08 2.85 21.56
N ARG A 145 -11.92 3.40 22.75
CA ARG A 145 -12.94 4.26 23.34
C ARG A 145 -12.41 5.64 23.75
N ASP A 146 -11.19 5.96 23.32
CA ASP A 146 -10.59 7.28 23.62
C ASP A 146 -11.11 8.34 22.65
N ALA A 147 -11.96 9.23 23.15
CA ALA A 147 -12.60 10.25 22.33
C ALA A 147 -11.60 11.14 21.59
N GLN A 148 -10.47 11.45 22.23
CA GLN A 148 -9.46 12.28 21.57
C GLN A 148 -8.86 11.59 20.35
N GLN A 149 -8.65 10.27 20.45
CA GLN A 149 -8.11 9.52 19.33
C GLN A 149 -9.16 9.29 18.23
N ILE A 150 -10.41 9.17 18.62
CA ILE A 150 -11.47 9.06 17.62
C ILE A 150 -11.43 10.33 16.77
N GLU A 151 -11.37 11.47 17.43
CA GLU A 151 -11.40 12.76 16.75
C GLU A 151 -10.15 12.99 15.92
N ALA A 152 -8.98 12.61 16.44
CA ALA A 152 -7.75 12.73 15.69
C ALA A 152 -7.83 11.95 14.39
N SER A 153 -8.36 10.73 14.49
CA SER A 153 -8.51 9.87 13.32
C SER A 153 -9.51 10.49 12.34
N ARG A 154 -10.63 10.99 12.86
CA ARG A 154 -11.62 11.63 11.98
C ARG A 154 -11.00 12.82 11.24
N ALA A 155 -10.25 13.65 11.96
CA ALA A 155 -9.63 14.84 11.38
C ALA A 155 -8.63 14.49 10.28
N ASN A 156 -7.80 13.50 10.55
CA ASN A 156 -6.80 13.08 9.59
C ASN A 156 -7.47 12.46 8.36
N TRP A 157 -8.47 11.61 8.59
CA TRP A 157 -9.27 11.01 7.54
C TRP A 157 -9.87 12.11 6.66
N ALA A 158 -10.39 13.15 7.30
CA ALA A 158 -11.03 14.24 6.58
C ALA A 158 -10.04 14.93 5.66
N LYS A 159 -8.81 15.12 6.12
CA LYS A 159 -7.78 15.72 5.28
C LYS A 159 -7.52 14.86 4.04
N HIS A 160 -7.49 13.55 4.22
CA HIS A 160 -7.26 12.67 3.07
C HIS A 160 -8.45 12.72 2.11
N MET A 161 -9.66 12.80 2.64
CA MET A 161 -10.85 12.93 1.78
C MET A 161 -10.85 14.22 0.98
N ALA A 162 -10.31 15.29 1.54
CA ALA A 162 -10.20 16.54 0.80
C ALA A 162 -9.29 16.38 -0.41
N ILE A 163 -8.27 15.53 -0.30
CA ILE A 163 -7.40 15.23 -1.43
C ILE A 163 -8.16 14.46 -2.51
N VAL A 164 -8.96 13.46 -2.13
CA VAL A 164 -9.84 12.78 -3.06
C VAL A 164 -10.78 13.79 -3.77
N GLU A 165 -11.39 14.70 -3.01
CA GLU A 165 -12.29 15.70 -3.58
C GLU A 165 -11.55 16.52 -4.63
N GLY A 166 -10.33 16.95 -4.30
CA GLY A 166 -9.53 17.73 -5.22
C GLY A 166 -9.29 17.03 -6.53
N GLN A 167 -8.99 15.73 -6.46
CA GLN A 167 -8.69 14.98 -7.66
C GLN A 167 -9.96 14.82 -8.51
N LEU A 168 -11.08 14.52 -7.88
CA LEU A 168 -12.34 14.37 -8.62
C LEU A 168 -12.83 15.72 -9.19
N GLN A 169 -12.55 16.82 -8.49
CA GLN A 169 -12.86 18.14 -9.05
C GLN A 169 -12.08 18.30 -10.36
N ARG A 170 -10.83 17.84 -10.38
CA ARG A 170 -9.96 17.97 -11.54
C ARG A 170 -10.41 17.07 -12.69
N THR A 171 -10.71 15.80 -12.42
CA THR A 171 -11.06 14.91 -13.51
C THR A 171 -12.50 15.11 -13.96
N GLY A 172 -13.40 15.47 -13.03
CA GLY A 172 -14.82 15.52 -13.32
C GLY A 172 -15.40 14.18 -13.75
N ALA A 173 -14.67 13.10 -13.47
CA ALA A 173 -15.06 11.80 -13.97
C ALA A 173 -14.68 10.71 -12.95
N PHE A 174 -13.60 9.96 -13.22
CA PHE A 174 -13.18 8.88 -12.33
C PHE A 174 -11.87 9.29 -11.64
N ILE A 175 -11.37 8.46 -10.73
CA ILE A 175 -10.25 8.93 -9.93
C ILE A 175 -8.99 9.16 -10.73
N ALA A 176 -8.73 8.34 -11.75
CA ALA A 176 -7.49 8.44 -12.52
C ALA A 176 -7.65 9.13 -13.86
N GLY A 177 -8.88 9.50 -14.22
CA GLY A 177 -9.12 10.10 -15.52
C GLY A 177 -10.54 9.88 -16.05
N ASP A 178 -10.65 9.83 -17.37
CA ASP A 178 -11.94 9.81 -18.04
C ASP A 178 -12.65 8.48 -18.04
N ALA A 179 -11.93 7.42 -17.67
CA ALA A 179 -12.49 6.07 -17.76
C ALA A 179 -12.42 5.41 -16.40
N PHE A 180 -13.46 4.63 -16.09
CA PHE A 180 -13.43 3.74 -14.95
C PHE A 180 -12.20 2.82 -15.03
N SER A 181 -11.51 2.68 -13.91
CA SER A 181 -10.29 1.88 -13.90
C SER A 181 -10.19 1.12 -12.60
N LEU A 182 -9.17 0.28 -12.51
CA LEU A 182 -8.92 -0.48 -11.30
C LEU A 182 -8.83 0.40 -10.05
N ALA A 183 -8.31 1.62 -10.20
CA ALA A 183 -8.14 2.52 -9.06
C ALA A 183 -9.45 2.93 -8.43
N ASP A 184 -10.53 2.97 -9.21
CA ASP A 184 -11.82 3.34 -8.65
C ASP A 184 -12.35 2.32 -7.66
N ILE A 185 -11.90 1.09 -7.74
CA ILE A 185 -12.38 0.07 -6.81
C ILE A 185 -11.95 0.30 -5.37
N PRO A 186 -10.64 0.39 -5.09
CA PRO A 186 -10.27 0.74 -3.72
C PRO A 186 -10.79 2.13 -3.32
N ILE A 187 -10.79 3.10 -4.24
CA ILE A 187 -11.17 4.45 -3.87
C ILE A 187 -12.67 4.56 -3.56
N ALA A 188 -13.53 4.03 -4.44
CA ALA A 188 -14.96 4.13 -4.14
C ALA A 188 -15.35 3.34 -2.88
N LEU A 189 -14.71 2.19 -2.65
CA LEU A 189 -14.99 1.46 -1.40
C LEU A 189 -14.58 2.25 -0.18
N SER A 190 -13.48 3.02 -0.29
CA SER A 190 -13.04 3.86 0.80
C SER A 190 -14.00 5.02 1.04
N ILE A 191 -14.49 5.63 -0.04
CA ILE A 191 -15.48 6.69 0.07
C ILE A 191 -16.76 6.16 0.75
N ASN A 192 -17.19 4.97 0.34
CA ASN A 192 -18.36 4.35 0.96
C ASN A 192 -18.16 4.22 2.46
N ARG A 193 -16.95 3.83 2.89
CA ARG A 193 -16.67 3.66 4.32
C ARG A 193 -16.83 4.99 5.05
N TRP A 194 -16.29 6.05 4.46
CA TRP A 194 -16.43 7.42 4.95
C TRP A 194 -17.90 7.81 5.12
N LEU A 195 -18.68 7.55 4.09
CA LEU A 195 -20.09 7.95 4.09
C LEU A 195 -20.97 7.11 5.02
N GLU A 196 -20.53 5.92 5.39
CA GLU A 196 -21.31 5.04 6.24
C GLU A 196 -20.88 5.01 7.69
N THR A 197 -19.80 5.71 8.01
CA THR A 197 -19.34 5.81 9.38
C THR A 197 -20.04 6.99 10.03
N PRO A 198 -20.49 6.83 11.27
CA PRO A 198 -21.28 7.91 11.88
C PRO A 198 -20.45 9.06 12.45
N ILE A 199 -19.91 9.84 11.52
CA ILE A 199 -19.14 11.03 11.85
C ILE A 199 -19.77 12.24 11.15
N ALA A 200 -19.46 13.42 11.66
CA ALA A 200 -19.84 14.66 11.00
C ALA A 200 -18.85 14.86 9.86
N ARG A 201 -19.37 15.16 8.68
CA ARG A 201 -18.56 15.23 7.46
C ARG A 201 -18.81 16.55 6.76
N ASP A 202 -17.72 17.16 6.29
CA ASP A 202 -17.79 18.30 5.41
C ASP A 202 -18.43 17.90 4.08
N ASP A 203 -19.14 18.84 3.47
N ASP A 203 -19.11 18.87 3.46
CA ASP A 203 -19.73 18.57 2.16
CA ASP A 203 -19.67 18.67 2.14
C ASP A 203 -18.62 18.49 1.12
C ASP A 203 -18.54 18.47 1.13
N LEU A 204 -18.57 17.37 0.37
CA LEU A 204 -17.61 17.12 -0.70
C LEU A 204 -18.39 16.78 -1.97
N PRO A 205 -18.75 17.84 -2.75
CA PRO A 205 -19.68 17.64 -3.88
C PRO A 205 -19.09 16.82 -5.03
N ALA A 206 -17.80 16.89 -5.31
CA ALA A 206 -17.26 16.09 -6.41
C ALA A 206 -17.28 14.61 -6.03
N VAL A 207 -17.00 14.32 -4.77
CA VAL A 207 -17.13 12.98 -4.23
C VAL A 207 -18.57 12.46 -4.40
N ASP A 208 -19.55 13.26 -3.97
CA ASP A 208 -20.94 12.84 -4.13
C ASP A 208 -21.30 12.58 -5.59
N ALA A 209 -20.89 13.48 -6.49
CA ALA A 209 -21.20 13.31 -7.91
C ALA A 209 -20.55 12.05 -8.48
N TYR A 210 -19.34 11.73 -8.03
CA TYR A 210 -18.65 10.52 -8.43
C TYR A 210 -19.38 9.26 -7.99
N MET A 211 -19.83 9.23 -6.74
CA MET A 211 -20.54 8.06 -6.24
C MET A 211 -21.90 7.92 -6.96
N THR A 212 -22.49 9.03 -7.37
CA THR A 212 -23.72 9.00 -8.13
C THR A 212 -23.46 8.45 -9.55
N ARG A 213 -22.38 8.88 -10.17
CA ARG A 213 -21.95 8.44 -11.49
C ARG A 213 -21.74 6.91 -11.51
N LEU A 214 -21.15 6.40 -10.44
CA LEU A 214 -20.83 4.97 -10.35
C LEU A 214 -22.07 4.10 -10.20
N ALA A 215 -23.20 4.69 -9.80
CA ALA A 215 -24.44 3.94 -9.61
C ALA A 215 -24.85 3.13 -10.80
N SER A 216 -24.42 3.50 -12.01
CA SER A 216 -24.81 2.72 -13.16
C SER A 216 -24.12 1.36 -13.23
N ARG A 217 -23.06 1.15 -12.47
CA ARG A 217 -22.32 -0.12 -12.53
C ARG A 217 -22.93 -1.14 -11.56
N ASP A 218 -23.41 -2.26 -12.09
N ASP A 218 -23.39 -2.25 -12.12
CA ASP A 218 -24.06 -3.26 -11.25
CA ASP A 218 -24.03 -3.30 -11.34
C ASP A 218 -23.16 -3.70 -10.11
C ASP A 218 -23.17 -3.72 -10.15
N ALA A 219 -21.87 -3.93 -10.37
CA ALA A 219 -21.00 -4.45 -9.33
C ALA A 219 -20.70 -3.44 -8.24
N TYR A 220 -20.73 -2.15 -8.59
CA TYR A 220 -20.64 -1.11 -7.57
C TYR A 220 -21.84 -1.17 -6.61
N ARG A 221 -23.04 -1.33 -7.16
CA ARG A 221 -24.20 -1.39 -6.31
C ARG A 221 -24.19 -2.65 -5.46
N GLU A 222 -23.68 -3.75 -6.02
CA GLU A 222 -23.68 -5.01 -5.31
C GLU A 222 -22.66 -5.05 -4.17
N TYR A 223 -21.45 -4.57 -4.44
CA TYR A 223 -20.34 -4.77 -3.52
C TYR A 223 -19.81 -3.54 -2.86
N CYS A 224 -20.17 -2.35 -3.36
CA CYS A 224 -19.66 -1.11 -2.80
C CYS A 224 -20.76 -0.38 -2.06
N ARG A 225 -21.66 0.30 -2.78
CA ARG A 225 -22.69 1.08 -2.11
C ARG A 225 -23.88 0.19 -1.79
N ASN A 226 -23.72 -0.66 -0.77
CA ASN A 226 -24.70 -1.70 -0.47
C ASN A 226 -25.16 -1.66 0.97
N GLY A 227 -24.80 -0.57 1.67
CA GLY A 227 -25.22 -0.39 3.05
C GLY A 227 -24.19 -0.83 4.08
N THR A 228 -23.18 -1.59 3.65
CA THR A 228 -22.14 -2.07 4.57
C THR A 228 -20.98 -1.09 4.59
N PRO A 229 -20.60 -0.62 5.79
CA PRO A 229 -19.47 0.32 5.89
C PRO A 229 -18.16 -0.29 5.45
N MET B 23 15.37 14.90 -18.90
CA MET B 23 16.13 14.36 -17.74
C MET B 23 15.20 14.18 -16.53
N LEU B 24 15.17 12.96 -16.02
CA LEU B 24 14.29 12.59 -14.92
C LEU B 24 14.63 13.41 -13.67
N GLN B 25 13.60 13.99 -13.05
CA GLN B 25 13.81 14.74 -11.81
C GLN B 25 13.20 14.01 -10.63
N ILE B 26 14.01 13.80 -9.59
CA ILE B 26 13.54 13.17 -8.36
C ILE B 26 13.45 14.25 -7.29
N LEU B 27 12.24 14.51 -6.79
CA LEU B 27 12.04 15.50 -5.75
C LEU B 27 11.93 14.78 -4.41
N GLY B 28 12.94 14.97 -3.55
CA GLY B 28 12.92 14.41 -2.21
C GLY B 28 14.29 14.28 -1.58
N LYS B 29 14.35 14.61 -0.29
CA LYS B 29 15.56 14.45 0.51
C LYS B 29 16.02 12.99 0.50
N PRO B 30 17.33 12.77 0.41
CA PRO B 30 17.83 11.41 0.17
C PRO B 30 17.80 10.51 1.39
N THR B 31 17.46 11.04 2.55
CA THR B 31 17.37 10.26 3.78
C THR B 31 16.03 9.51 3.91
N SER B 32 15.01 9.98 3.20
CA SER B 32 13.67 9.40 3.29
C SER B 32 13.66 7.98 2.76
N ILE B 33 13.10 7.05 3.52
CA ILE B 33 13.00 5.66 3.07
C ILE B 33 12.26 5.55 1.73
N ASN B 34 11.21 6.34 1.56
CA ASN B 34 10.45 6.27 0.35
C ASN B 34 11.14 6.89 -0.84
N VAL B 35 11.87 7.97 -0.62
CA VAL B 35 12.75 8.53 -1.65
C VAL B 35 13.82 7.51 -2.06
N ARG B 36 14.41 6.83 -1.06
CA ARG B 36 15.43 5.84 -1.34
C ARG B 36 14.91 4.68 -2.17
N LYS B 37 13.63 4.31 -2.05
CA LYS B 37 13.10 3.30 -2.95
C LYS B 37 13.29 3.75 -4.39
N VAL B 38 13.04 5.01 -4.65
CA VAL B 38 13.11 5.54 -6.00
C VAL B 38 14.56 5.68 -6.46
N LEU B 39 15.42 6.19 -5.59
CA LEU B 39 16.83 6.31 -5.94
C LEU B 39 17.45 4.94 -6.25
N TRP B 40 17.17 3.96 -5.40
CA TRP B 40 17.68 2.61 -5.61
C TRP B 40 17.16 2.07 -6.94
N THR B 41 15.89 2.22 -7.21
CA THR B 41 15.33 1.72 -8.48
C THR B 41 15.99 2.39 -9.69
N CYS B 42 16.18 3.70 -9.63
CA CYS B 42 16.86 4.42 -10.71
C CYS B 42 18.26 3.86 -10.96
N ALA B 43 19.03 3.65 -9.88
CA ALA B 43 20.37 3.14 -9.99
C ALA B 43 20.38 1.71 -10.57
N GLU B 44 19.44 0.88 -10.16
CA GLU B 44 19.36 -0.48 -10.70
C GLU B 44 19.10 -0.46 -12.19
N LEU B 45 18.22 0.44 -12.63
CA LEU B 45 17.84 0.58 -14.03
C LEU B 45 18.78 1.42 -14.87
N GLY B 46 19.81 1.98 -14.21
CA GLY B 46 20.82 2.76 -14.91
C GLY B 46 20.31 4.09 -15.43
N LEU B 47 19.31 4.65 -14.75
CA LEU B 47 18.70 5.89 -15.19
C LEU B 47 19.46 7.10 -14.68
N ALA B 48 19.66 8.07 -15.56
CA ALA B 48 20.19 9.36 -15.16
C ALA B 48 19.08 10.17 -14.51
N PHE B 49 19.43 10.91 -13.48
CA PHE B 49 18.45 11.76 -12.81
C PHE B 49 19.11 12.94 -12.12
N GLU B 50 18.32 13.95 -11.84
CA GLU B 50 18.74 15.04 -10.99
C GLU B 50 17.84 15.00 -9.77
N ARG B 51 18.42 15.26 -8.60
CA ARG B 51 17.69 15.17 -7.34
C ARG B 51 17.64 16.56 -6.70
N GLU B 52 16.46 16.94 -6.21
CA GLU B 52 16.28 18.16 -5.43
C GLU B 52 15.79 17.76 -4.05
N ASP B 53 16.41 18.27 -3.00
CA ASP B 53 16.21 17.74 -1.65
C ASP B 53 15.00 18.30 -0.90
N TRP B 54 13.84 18.24 -1.55
CA TRP B 54 12.59 18.66 -0.94
C TRP B 54 12.26 17.90 0.36
N GLY B 55 11.72 18.63 1.34
CA GLY B 55 11.31 18.05 2.61
C GLY B 55 12.35 18.20 3.71
N ALA B 56 13.48 18.78 3.36
CA ALA B 56 14.54 19.00 4.33
C ALA B 56 14.99 20.44 4.28
N GLY B 57 15.74 20.86 5.30
CA GLY B 57 16.43 22.13 5.26
C GLY B 57 15.52 23.30 4.98
N PHE B 58 15.85 24.06 3.96
CA PHE B 58 15.04 25.21 3.58
C PHE B 58 14.29 24.93 2.29
N ARG B 59 13.91 23.67 2.08
CA ARG B 59 13.03 23.30 0.98
C ARG B 59 11.78 22.59 1.51
N PRO B 60 10.99 23.29 2.33
CA PRO B 60 9.74 22.70 2.81
C PRO B 60 8.78 22.43 1.67
N THR B 61 7.95 21.39 1.82
CA THR B 61 7.02 21.00 0.77
C THR B 61 5.65 21.68 0.82
N ASN B 62 5.28 22.31 1.94
CA ASN B 62 3.97 22.95 2.03
C ASN B 62 4.03 24.35 1.42
N VAL B 63 4.33 24.40 0.13
CA VAL B 63 4.41 25.65 -0.62
C VAL B 63 3.71 25.42 -1.94
N PRO B 64 3.17 26.50 -2.54
CA PRO B 64 2.33 26.33 -3.74
C PRO B 64 2.98 25.56 -4.88
N GLU B 65 4.27 25.79 -5.11
CA GLU B 65 4.99 25.18 -6.22
C GLU B 65 5.00 23.65 -6.07
N PHE B 66 5.12 23.18 -4.84
CA PHE B 66 5.18 21.76 -4.58
C PHE B 66 3.79 21.14 -4.48
N LEU B 67 2.87 21.83 -3.82
CA LEU B 67 1.51 21.33 -3.68
C LEU B 67 0.85 21.13 -5.04
N ALA B 68 1.22 21.95 -6.02
CA ALA B 68 0.72 21.80 -7.38
C ALA B 68 1.16 20.47 -7.99
N LEU B 69 2.29 19.96 -7.54
CA LEU B 69 2.79 18.66 -8.01
C LEU B 69 2.26 17.49 -7.20
N ASN B 70 2.08 17.70 -5.91
CA ASN B 70 1.59 16.63 -5.03
C ASN B 70 0.77 17.26 -3.90
N PRO B 71 -0.56 17.08 -3.93
CA PRO B 71 -1.41 17.70 -2.90
C PRO B 71 -1.14 17.18 -1.48
N ASN B 72 -0.52 16.01 -1.36
CA ASN B 72 -0.10 15.45 -0.06
C ASN B 72 1.08 16.17 0.56
N ALA B 73 1.81 16.95 -0.26
CA ALA B 73 3.00 17.65 0.22
C ALA B 73 4.03 16.68 0.79
N MET B 74 4.14 15.50 0.18
CA MET B 74 5.16 14.55 0.60
C MET B 74 6.09 14.19 -0.53
N VAL B 75 7.23 13.65 -0.15
CA VAL B 75 8.22 13.14 -1.11
C VAL B 75 8.25 11.64 -0.99
N PRO B 76 8.62 10.94 -2.07
CA PRO B 76 9.07 11.48 -3.37
C PRO B 76 7.98 11.89 -4.33
N VAL B 77 8.36 12.81 -5.21
CA VAL B 77 7.64 13.09 -6.44
C VAL B 77 8.66 12.98 -7.57
N ILE B 78 8.24 12.47 -8.72
CA ILE B 78 9.09 12.55 -9.90
C ILE B 78 8.46 13.40 -10.99
N ARG B 79 9.32 13.99 -11.81
CA ARG B 79 8.93 14.64 -13.05
C ARG B 79 9.72 13.98 -14.16
N ASP B 80 8.99 13.34 -15.07
CA ASP B 80 9.60 12.68 -16.21
C ASP B 80 9.05 13.37 -17.46
N GLY B 81 9.78 14.35 -17.97
CA GLY B 81 9.23 15.21 -18.99
C GLY B 81 8.05 15.99 -18.42
N ASP B 82 6.89 15.87 -19.07
CA ASP B 82 5.67 16.54 -18.60
C ASP B 82 4.86 15.67 -17.64
N PHE B 83 5.31 14.46 -17.38
CA PHE B 83 4.58 13.53 -16.54
C PHE B 83 5.03 13.66 -15.10
N VAL B 84 4.07 13.90 -14.20
CA VAL B 84 4.34 14.03 -12.79
C VAL B 84 3.67 12.88 -12.02
N LEU B 85 4.41 12.27 -11.11
CA LEU B 85 3.93 11.11 -10.38
C LEU B 85 4.40 11.14 -8.94
N TRP B 86 3.51 10.84 -8.01
CA TRP B 86 3.87 10.65 -6.61
C TRP B 86 3.43 9.27 -6.14
N GLU B 87 3.80 8.95 -4.91
CA GLU B 87 3.61 7.64 -4.24
C GLU B 87 4.73 6.71 -4.62
N SER B 88 5.63 6.46 -3.68
CA SER B 88 6.88 5.76 -3.96
C SER B 88 6.71 4.41 -4.67
N ASN B 89 5.83 3.55 -4.17
CA ASN B 89 5.68 2.25 -4.78
C ASN B 89 5.12 2.36 -6.19
N SER B 90 4.29 3.37 -6.45
CA SER B 90 3.78 3.61 -7.79
C SER B 90 4.90 4.07 -8.71
N ILE B 91 5.77 4.92 -8.20
CA ILE B 91 6.90 5.42 -8.96
C ILE B 91 7.85 4.31 -9.36
N ILE B 92 8.20 3.43 -8.43
CA ILE B 92 9.16 2.39 -8.77
C ILE B 92 8.58 1.41 -9.78
N ARG B 93 7.28 1.14 -9.68
CA ARG B 93 6.60 0.34 -10.69
C ARG B 93 6.66 1.00 -12.05
N TYR B 94 6.42 2.31 -12.07
CA TYR B 94 6.44 3.07 -13.33
C TYR B 94 7.81 3.02 -14.00
N LEU B 95 8.84 3.24 -13.20
CA LEU B 95 10.18 3.27 -13.74
C LEU B 95 10.55 1.88 -14.31
N ALA B 96 10.25 0.83 -13.56
CA ALA B 96 10.53 -0.52 -14.05
C ALA B 96 9.69 -0.89 -15.25
N GLY B 97 8.46 -0.38 -15.32
CA GLY B 97 7.59 -0.69 -16.43
C GLY B 97 8.00 0.02 -17.70
N ARG B 98 8.48 1.26 -17.58
CA ARG B 98 8.75 2.06 -18.76
C ARG B 98 10.19 1.97 -19.25
N TYR B 99 11.13 1.75 -18.33
CA TYR B 99 12.54 1.90 -18.66
C TYR B 99 13.34 0.60 -18.52
N GLY B 100 12.88 -0.41 -19.21
CA GLY B 100 13.69 -1.62 -19.42
C GLY B 100 13.81 -2.48 -18.18
N GLY B 101 12.74 -2.59 -17.42
CA GLY B 101 12.77 -3.29 -16.15
C GLY B 101 12.10 -4.64 -16.10
N GLU B 102 11.94 -5.32 -17.23
CA GLU B 102 11.37 -6.68 -17.20
C GLU B 102 12.16 -7.61 -16.25
N TRP B 103 13.48 -7.45 -16.22
CA TRP B 103 14.31 -8.27 -15.36
C TRP B 103 14.04 -8.04 -13.89
N LEU B 104 13.56 -6.85 -13.55
CA LEU B 104 13.33 -6.46 -12.19
C LEU B 104 11.86 -6.63 -11.77
N TYR B 105 10.93 -6.45 -12.72
CA TYR B 105 9.49 -6.46 -12.43
C TYR B 105 8.81 -7.16 -13.61
N PRO B 106 8.68 -8.49 -13.53
CA PRO B 106 8.27 -9.27 -14.70
C PRO B 106 6.83 -9.02 -15.09
N ALA B 107 6.55 -9.09 -16.38
CA ALA B 107 5.19 -8.87 -16.88
C ALA B 107 4.23 -10.03 -16.64
N ASP B 108 4.75 -11.25 -16.54
CA ASP B 108 3.90 -12.41 -16.31
C ASP B 108 3.03 -12.17 -15.08
N ALA B 109 1.73 -12.44 -15.16
CA ALA B 109 0.82 -12.01 -14.07
C ALA B 109 1.14 -12.69 -12.75
N ARG B 110 1.44 -13.98 -12.80
CA ARG B 110 1.73 -14.69 -11.56
C ARG B 110 3.07 -14.25 -10.95
N GLU B 111 4.11 -14.12 -11.77
CA GLU B 111 5.42 -13.66 -11.27
C GLU B 111 5.29 -12.23 -10.74
N ARG B 112 4.54 -11.39 -11.42
CA ARG B 112 4.37 -10.01 -11.00
C ARG B 112 3.64 -9.98 -9.66
N ALA B 113 2.64 -10.85 -9.50
CA ALA B 113 1.85 -10.89 -8.25
C ALA B 113 2.71 -11.29 -7.07
N ARG B 114 3.62 -12.21 -7.29
CA ARG B 114 4.54 -12.59 -6.22
C ARG B 114 5.36 -11.41 -5.72
N CYS B 115 5.73 -10.49 -6.61
CA CYS B 115 6.37 -9.24 -6.23
C CYS B 115 5.39 -8.28 -5.58
N ASP B 116 4.23 -8.09 -6.21
CA ASP B 116 3.26 -7.12 -5.69
C ASP B 116 2.85 -7.42 -4.27
N GLN B 117 2.63 -8.69 -3.94
CA GLN B 117 2.20 -9.05 -2.57
C GLN B 117 3.10 -8.38 -1.50
N TRP B 118 4.40 -8.46 -1.71
CA TRP B 118 5.37 -7.90 -0.76
C TRP B 118 5.55 -6.39 -0.88
N ILE B 119 5.50 -5.85 -2.09
CA ILE B 119 5.54 -4.40 -2.26
C ILE B 119 4.34 -3.75 -1.55
N ASP B 120 3.16 -4.28 -1.78
CA ASP B 120 1.95 -3.72 -1.23
C ASP B 120 1.86 -3.92 0.27
N TRP B 121 2.22 -5.10 0.78
CA TRP B 121 2.23 -5.34 2.22
C TRP B 121 3.26 -4.45 2.90
N GLN B 122 4.40 -4.20 2.27
CA GLN B 122 5.37 -3.29 2.86
C GLN B 122 4.75 -1.95 3.21
N ALA B 123 3.94 -1.45 2.29
CA ALA B 123 3.40 -0.10 2.41
C ALA B 123 2.12 -0.03 3.21
N SER B 124 1.37 -1.14 3.28
CA SER B 124 0.09 -1.12 3.98
C SER B 124 0.19 -1.62 5.41
N GLU B 125 1.15 -2.51 5.66
CA GLU B 125 1.24 -3.14 6.97
C GLU B 125 2.59 -2.91 7.66
N LEU B 126 3.69 -3.23 7.01
CA LEU B 126 4.99 -3.17 7.66
C LEU B 126 5.38 -1.75 8.06
N ASN B 127 5.30 -0.81 7.14
N ASN B 127 5.28 -0.83 7.11
CA ASN B 127 5.68 0.57 7.43
CA ASN B 127 5.56 0.60 7.31
C ASN B 127 4.80 1.26 8.49
C ASN B 127 4.84 1.10 8.58
N ARG B 128 3.55 0.83 8.64
CA ARG B 128 2.67 1.37 9.67
C ARG B 128 3.12 0.87 11.04
N SER B 129 3.60 -0.37 11.07
CA SER B 129 3.88 -1.03 12.35
C SER B 129 5.00 -0.34 13.12
N TRP B 130 5.95 0.26 12.41
CA TRP B 130 7.13 0.81 13.08
C TRP B 130 6.99 2.26 13.56
N SER B 131 5.88 2.91 13.23
CA SER B 131 5.75 4.35 13.39
C SER B 131 6.22 4.89 14.73
N TYR B 132 5.60 4.46 15.83
CA TYR B 132 5.88 5.11 17.11
C TYR B 132 7.31 4.81 17.58
N ALA B 133 7.75 3.56 17.44
CA ALA B 133 9.10 3.20 17.87
C ALA B 133 10.15 3.96 17.07
N PHE B 134 9.93 4.10 15.78
CA PHE B 134 10.88 4.79 14.91
C PHE B 134 10.95 6.27 15.26
N LEU B 135 9.79 6.91 15.38
CA LEU B 135 9.78 8.34 15.71
C LEU B 135 10.39 8.62 17.09
N ALA B 136 10.11 7.74 18.05
CA ALA B 136 10.67 7.91 19.39
C ALA B 136 12.17 7.70 19.42
N LEU B 137 12.65 6.63 18.78
CA LEU B 137 14.02 6.17 19.03
C LEU B 137 15.06 6.61 18.00
N VAL B 138 14.62 6.82 16.77
CA VAL B 138 15.50 7.32 15.73
C VAL B 138 15.32 8.82 15.58
N ARG B 139 14.09 9.29 15.38
CA ARG B 139 13.86 10.73 15.24
C ARG B 139 13.96 11.47 16.56
N GLN B 140 13.89 10.75 17.67
CA GLN B 140 13.97 11.36 19.00
C GLN B 140 12.94 12.47 19.15
N SER B 141 11.76 12.20 18.60
CA SER B 141 10.66 13.14 18.67
C SER B 141 10.26 13.42 20.11
N PRO B 142 10.24 14.69 20.49
CA PRO B 142 9.87 15.04 21.86
C PRO B 142 8.40 14.72 22.18
N ALA B 143 7.61 14.43 21.16
CA ALA B 143 6.20 14.08 21.33
C ALA B 143 5.97 12.56 21.38
N HIS B 144 7.03 11.78 21.28
CA HIS B 144 6.91 10.31 21.27
C HIS B 144 7.78 9.72 22.36
N ARG B 145 7.34 9.87 23.60
CA ARG B 145 8.13 9.44 24.75
C ARG B 145 7.40 8.45 25.65
N ASP B 146 6.24 7.99 25.20
CA ASP B 146 5.42 7.05 25.95
C ASP B 146 5.98 5.64 25.79
N ALA B 147 6.55 5.10 26.86
CA ALA B 147 7.26 3.84 26.80
C ALA B 147 6.34 2.69 26.40
N GLN B 148 5.07 2.77 26.79
CA GLN B 148 4.12 1.72 26.46
C GLN B 148 3.85 1.70 24.95
N GLN B 149 3.71 2.89 24.36
CA GLN B 149 3.45 2.96 22.93
C GLN B 149 4.70 2.58 22.13
N ILE B 150 5.89 2.91 22.64
CA ILE B 150 7.13 2.46 21.98
C ILE B 150 7.16 0.94 21.93
N GLU B 151 6.86 0.32 23.07
CA GLU B 151 6.89 -1.15 23.13
C GLU B 151 5.79 -1.79 22.27
N ALA B 152 4.60 -1.21 22.29
CA ALA B 152 3.52 -1.73 21.46
C ALA B 152 3.93 -1.71 19.99
N SER B 153 4.57 -0.63 19.56
CA SER B 153 5.09 -0.54 18.18
C SER B 153 6.22 -1.54 17.92
N ARG B 154 7.18 -1.63 18.84
CA ARG B 154 8.27 -2.60 18.69
C ARG B 154 7.70 -4.02 18.53
N ALA B 155 6.74 -4.36 19.37
CA ALA B 155 6.20 -5.73 19.37
C ALA B 155 5.47 -6.02 18.06
N ASN B 156 4.68 -5.07 17.59
CA ASN B 156 3.98 -5.20 16.31
C ASN B 156 4.95 -5.29 15.14
N TRP B 157 5.96 -4.44 15.15
CA TRP B 157 6.99 -4.43 14.12
C TRP B 157 7.69 -5.78 14.12
N ALA B 158 8.01 -6.29 15.30
CA ALA B 158 8.65 -7.60 15.39
C ALA B 158 7.81 -8.74 14.80
N LYS B 159 6.50 -8.69 15.02
CA LYS B 159 5.59 -9.68 14.44
C LYS B 159 5.64 -9.62 12.90
N HIS B 160 5.68 -8.42 12.35
CA HIS B 160 5.79 -8.30 10.88
C HIS B 160 7.16 -8.79 10.39
N MET B 161 8.22 -8.53 11.14
CA MET B 161 9.53 -9.02 10.76
C MET B 161 9.61 -10.54 10.82
N ALA B 162 8.87 -11.17 11.73
CA ALA B 162 8.81 -12.62 11.75
C ALA B 162 8.15 -13.19 10.48
N ILE B 163 7.19 -12.45 9.93
CA ILE B 163 6.61 -12.82 8.65
C ILE B 163 7.65 -12.75 7.54
N VAL B 164 8.45 -11.68 7.52
CA VAL B 164 9.55 -11.58 6.56
C VAL B 164 10.50 -12.75 6.72
N GLU B 165 10.90 -13.06 7.97
CA GLU B 165 11.79 -14.18 8.24
C GLU B 165 11.21 -15.47 7.68
N GLY B 166 9.92 -15.70 7.90
CA GLY B 166 9.29 -16.91 7.41
C GLY B 166 9.35 -17.03 5.91
N GLN B 167 9.16 -15.92 5.21
CA GLN B 167 9.19 -15.95 3.77
C GLN B 167 10.61 -16.23 3.26
N LEU B 168 11.60 -15.58 3.84
CA LEU B 168 12.98 -15.80 3.43
C LEU B 168 13.46 -17.22 3.79
N GLN B 169 12.97 -17.78 4.88
CA GLN B 169 13.23 -19.19 5.17
C GLN B 169 12.73 -20.07 4.03
N ARG B 170 11.55 -19.75 3.50
CA ARG B 170 10.96 -20.52 2.42
C ARG B 170 11.71 -20.38 1.11
N THR B 171 12.06 -19.16 0.72
CA THR B 171 12.72 -19.00 -0.57
C THR B 171 14.20 -19.30 -0.50
N GLY B 172 14.82 -19.03 0.64
CA GLY B 172 16.26 -19.20 0.78
C GLY B 172 17.04 -18.26 -0.12
N ALA B 173 16.39 -17.22 -0.64
CA ALA B 173 17.00 -16.38 -1.65
C ALA B 173 16.53 -14.95 -1.52
N PHE B 174 15.47 -14.57 -2.23
CA PHE B 174 14.96 -13.20 -2.20
C PHE B 174 13.51 -13.18 -1.74
N ILE B 175 12.91 -12.00 -1.61
CA ILE B 175 11.61 -11.97 -0.94
C ILE B 175 10.51 -12.64 -1.78
N ALA B 176 10.60 -12.56 -3.10
CA ALA B 176 9.54 -13.07 -3.98
C ALA B 176 9.87 -14.41 -4.62
N GLY B 177 11.09 -14.92 -4.41
CA GLY B 177 11.51 -16.15 -5.02
C GLY B 177 13.02 -16.23 -5.21
N ASP B 178 13.44 -16.85 -6.31
CA ASP B 178 14.83 -17.23 -6.50
C ASP B 178 15.71 -16.12 -7.06
N ALA B 179 15.17 -14.96 -7.37
CA ALA B 179 15.94 -13.92 -8.04
C ALA B 179 15.60 -12.55 -7.50
N PHE B 180 16.55 -11.63 -7.57
CA PHE B 180 16.32 -10.25 -7.16
C PHE B 180 15.19 -9.64 -7.98
N SER B 181 14.33 -8.90 -7.31
CA SER B 181 13.21 -8.28 -7.97
C SER B 181 12.87 -6.93 -7.33
N LEU B 182 11.92 -6.23 -7.94
CA LEU B 182 11.44 -4.94 -7.45
C LEU B 182 10.97 -5.06 -6.01
N ALA B 183 10.42 -6.20 -5.60
CA ALA B 183 9.93 -6.34 -4.22
C ALA B 183 11.04 -6.22 -3.18
N ASP B 184 12.26 -6.59 -3.55
CA ASP B 184 13.36 -6.52 -2.61
C ASP B 184 13.71 -5.10 -2.26
N ILE B 185 13.31 -4.12 -3.07
CA ILE B 185 13.67 -2.74 -2.81
C ILE B 185 12.89 -2.19 -1.60
N PRO B 186 11.54 -2.19 -1.60
CA PRO B 186 10.86 -1.78 -0.38
C PRO B 186 11.18 -2.68 0.83
N ILE B 187 11.34 -3.97 0.61
CA ILE B 187 11.54 -4.89 1.74
C ILE B 187 12.92 -4.70 2.36
N ALA B 188 13.98 -4.70 1.57
CA ALA B 188 15.31 -4.52 2.15
C ALA B 188 15.48 -3.16 2.80
N LEU B 189 14.90 -2.12 2.23
CA LEU B 189 14.96 -0.80 2.89
C LEU B 189 14.26 -0.86 4.24
N SER B 190 13.17 -1.61 4.34
CA SER B 190 12.44 -1.75 5.60
C SER B 190 13.25 -2.52 6.61
N ILE B 191 13.92 -3.59 6.16
CA ILE B 191 14.77 -4.35 7.08
C ILE B 191 15.93 -3.48 7.56
N ASN B 192 16.52 -2.68 6.68
CA ASN B 192 17.57 -1.76 7.13
C ASN B 192 17.06 -0.87 8.26
N ARG B 193 15.85 -0.35 8.13
CA ARG B 193 15.26 0.49 9.17
C ARG B 193 15.19 -0.27 10.50
N TRP B 194 14.76 -1.53 10.45
CA TRP B 194 14.70 -2.38 11.64
C TRP B 194 16.08 -2.55 12.28
N LEU B 195 17.09 -2.79 11.44
CA LEU B 195 18.44 -3.05 11.95
C LEU B 195 19.16 -1.82 12.45
N GLU B 196 18.73 -0.63 12.01
CA GLU B 196 19.39 0.62 12.38
C GLU B 196 18.67 1.38 13.48
N THR B 197 17.51 0.89 13.89
CA THR B 197 16.78 1.46 15.02
C THR B 197 17.30 0.84 16.31
N PRO B 198 17.57 1.65 17.34
CA PRO B 198 18.14 1.11 18.59
C PRO B 198 17.10 0.41 19.47
N ILE B 199 16.63 -0.73 18.99
CA ILE B 199 15.73 -1.62 19.73
C ILE B 199 16.44 -2.94 19.88
N ALA B 200 16.08 -3.71 20.90
CA ALA B 200 16.61 -5.06 21.00
C ALA B 200 15.76 -5.92 20.07
N ARG B 201 16.40 -6.88 19.42
CA ARG B 201 15.75 -7.64 18.36
C ARG B 201 16.07 -9.11 18.60
N ASP B 202 15.13 -9.99 18.34
CA ASP B 202 15.47 -11.40 18.26
C ASP B 202 16.28 -11.67 16.98
N ASP B 203 17.13 -12.70 17.02
N ASP B 203 17.03 -12.77 17.06
CA ASP B 203 17.90 -13.07 15.85
CA ASP B 203 17.74 -13.36 15.94
C ASP B 203 16.99 -13.74 14.82
C ASP B 203 16.79 -13.72 14.80
N LEU B 204 17.08 -13.21 13.61
CA LEU B 204 16.31 -13.64 12.44
C LEU B 204 17.34 -14.09 11.40
N PRO B 205 17.70 -15.39 11.41
CA PRO B 205 18.83 -15.80 10.58
C PRO B 205 18.60 -15.69 9.07
N ALA B 206 17.39 -15.92 8.58
CA ALA B 206 17.18 -15.81 7.14
C ALA B 206 17.25 -14.36 6.70
N VAL B 207 16.74 -13.45 7.53
CA VAL B 207 16.89 -12.02 7.30
C VAL B 207 18.36 -11.63 7.22
N ASP B 208 19.15 -12.11 8.16
CA ASP B 208 20.58 -11.78 8.14
C ASP B 208 21.24 -12.28 6.85
N ALA B 209 20.92 -13.50 6.46
CA ALA B 209 21.54 -14.08 5.26
C ALA B 209 21.12 -13.32 4.01
N TYR B 210 19.88 -12.89 3.97
CA TYR B 210 19.38 -12.10 2.86
C TYR B 210 20.08 -10.74 2.72
N MET B 211 20.23 -10.02 3.83
CA MET B 211 20.88 -8.71 3.80
C MET B 211 22.38 -8.89 3.45
N THR B 212 22.97 -10.00 3.87
CA THR B 212 24.32 -10.29 3.47
C THR B 212 24.42 -10.62 1.99
N ARG B 213 23.47 -11.37 1.44
CA ARG B 213 23.55 -11.68 0.00
C ARG B 213 23.34 -10.43 -0.85
N LEU B 214 22.48 -9.51 -0.40
CA LEU B 214 22.24 -8.26 -1.12
C LEU B 214 23.48 -7.35 -1.16
N ALA B 215 24.44 -7.55 -0.27
CA ALA B 215 25.57 -6.63 -0.16
C ALA B 215 26.42 -6.60 -1.43
N SER B 216 26.27 -7.60 -2.27
CA SER B 216 26.98 -7.63 -3.54
C SER B 216 26.40 -6.67 -4.57
N ARG B 217 25.25 -6.08 -4.30
CA ARG B 217 24.65 -5.13 -5.25
C ARG B 217 25.09 -3.71 -4.95
N ASP B 218 25.72 -3.07 -5.92
CA ASP B 218 26.22 -1.72 -5.70
C ASP B 218 25.13 -0.76 -5.25
N ALA B 219 23.96 -0.80 -5.85
CA ALA B 219 22.92 0.16 -5.51
C ALA B 219 22.36 -0.06 -4.12
N TYR B 220 22.38 -1.30 -3.67
CA TYR B 220 21.99 -1.60 -2.29
C TYR B 220 22.97 -0.97 -1.31
N ARG B 221 24.26 -1.07 -1.60
CA ARG B 221 25.25 -0.46 -0.72
C ARG B 221 25.08 1.06 -0.69
N GLU B 222 24.77 1.66 -1.84
CA GLU B 222 24.68 3.11 -1.95
C GLU B 222 23.41 3.69 -1.31
N TYR B 223 22.28 3.05 -1.55
CA TYR B 223 21.00 3.63 -1.17
C TYR B 223 20.22 2.92 -0.06
N CYS B 224 20.59 1.68 0.23
CA CYS B 224 19.90 0.92 1.26
C CYS B 224 20.75 0.81 2.52
N ARG B 225 21.75 -0.06 2.50
CA ARG B 225 22.52 -0.35 3.69
C ARG B 225 23.69 0.62 3.80
N ASN B 226 23.35 1.90 3.98
CA ASN B 226 24.33 2.96 3.90
C ASN B 226 24.51 3.73 5.22
N GLY B 227 23.98 3.15 6.30
CA GLY B 227 24.08 3.76 7.60
C GLY B 227 22.94 4.71 7.98
N THR B 228 22.08 5.01 7.04
CA THR B 228 20.92 5.88 7.31
C THR B 228 19.74 4.98 7.67
N PRO B 229 19.09 5.21 8.83
CA PRO B 229 17.98 4.33 9.21
C PRO B 229 16.78 4.48 8.27
N1 GSH C . -3.56 -5.02 3.82
CA1 GSH C . -4.46 -6.13 3.82
C1 GSH C . -5.21 -6.18 2.53
O11 GSH C . -5.43 -5.10 1.93
O12 GSH C . -5.59 -7.29 2.06
CB1 GSH C . -5.39 -5.91 4.99
CG1 GSH C . -6.33 -7.09 5.18
CD1 GSH C . -7.19 -6.85 6.40
OE1 GSH C . -6.98 -5.97 7.22
N2 GSH C . -8.30 -7.73 6.52
CA2 GSH C . -9.24 -7.65 7.61
C2 GSH C . -8.97 -8.89 8.46
O2 GSH C . -8.77 -10.02 7.98
CB2 GSH C . -10.62 -7.59 7.06
SG2 GSH C . -10.89 -6.08 6.13
N3 GSH C . -8.90 -8.83 9.90
CA3 GSH C . -8.60 -10.05 10.65
C3 GSH C . -9.80 -10.86 11.01
O31 GSH C . -10.95 -10.53 10.61
O32 GSH C . -9.64 -11.89 11.72
HN11 GSH C . -2.89 -5.16 4.43
HN12 GSH C . -3.19 -4.94 2.98
HA1 GSH C . -3.96 -6.96 3.95
HB12 GSH C . -4.86 -5.79 5.80
HB13 GSH C . -5.91 -5.11 4.83
HG12 GSH C . -5.81 -7.90 5.30
HG13 GSH C . -6.89 -7.17 4.40
HN2 GSH C . -8.42 -8.39 5.88
HA2 GSH C . -9.05 -6.86 8.14
HB22 GSH C . -11.27 -7.62 7.79
HB23 GSH C . -10.78 -8.35 6.47
HSG GSH C . -12.06 -5.93 5.93
HN3 GSH C . -9.02 -8.03 10.34
HA31 GSH C . -8.14 -9.81 11.46
HA32 GSH C . -8.01 -10.60 10.11
N1 GSH D . 3.07 6.93 1.06
CA1 GSH D . 4.06 7.90 0.65
C1 GSH D . 5.04 7.28 -0.30
O11 GSH D . 5.36 6.06 -0.15
O12 GSH D . 5.57 7.93 -1.25
CB1 GSH D . 4.79 8.30 1.87
CG1 GSH D . 5.77 9.42 1.60
CD1 GSH D . 6.49 9.84 2.85
OE1 GSH D . 6.16 9.44 3.96
N2 GSH D . 7.61 10.72 2.60
CA2 GSH D . 8.44 11.21 3.65
C2 GSH D . 9.07 10.00 4.36
O2 GSH D . 9.60 9.04 3.74
CB2 GSH D . 7.63 12.15 4.49
SG2 GSH D . 7.27 13.61 3.51
N3 GSH D . 9.08 9.90 5.80
CA3 GSH D . 9.76 8.78 6.39
C3 GSH D . 11.24 8.98 6.17
O31 GSH D . 11.74 10.14 5.97
O32 GSH D . 12.03 8.01 6.14
HN11 GSH D . 2.83 6.43 0.35
HN12 GSH D . 2.34 7.37 1.38
HA1 GSH D . 3.62 8.67 0.24
HB12 GSH D . 5.28 7.53 2.24
HB13 GSH D . 4.15 8.59 2.55
HG12 GSH D . 6.42 9.14 0.94
HG13 GSH D . 5.29 10.20 1.25
HN2 GSH D . 7.80 10.97 1.73
HA2 GSH D . 9.14 11.71 3.25
HB22 GSH D . 6.80 11.73 4.77
HB23 GSH D . 8.16 12.41 5.29
HSG GSH D . 7.09 14.55 4.24
HN3 GSH D . 8.74 10.57 6.32
HA31 GSH D . 9.48 7.94 5.98
HA32 GSH D . 9.58 8.76 7.34
C1 GOL E . 9.50 -12.88 -9.79
O1 GOL E . 8.34 -13.23 -9.07
C2 GOL E . 10.70 -12.63 -8.87
O2 GOL E . 11.72 -12.14 -9.69
C3 GOL E . 11.20 -13.90 -8.18
O3 GOL E . 12.15 -13.63 -7.17
H11 GOL E . 9.31 -11.98 -10.37
H12 GOL E . 9.75 -13.67 -10.49
HO1 GOL E . 7.59 -13.32 -9.69
H2 GOL E . 10.43 -11.90 -8.11
HO2 GOL E . 12.52 -11.95 -9.15
H31 GOL E . 11.65 -14.57 -8.93
H32 GOL E . 10.35 -14.44 -7.74
HO3 GOL E . 12.89 -13.11 -7.56
C1 GOL F . 18.85 -2.19 -17.10
O1 GOL F . 17.56 -1.90 -16.65
C2 GOL F . 18.74 -2.07 -18.60
O2 GOL F . 17.92 -3.09 -19.04
C3 GOL F . 20.03 -2.20 -19.37
O3 GOL F . 19.70 -1.62 -20.61
H11 GOL F . 19.14 -3.21 -16.82
H12 GOL F . 19.57 -1.48 -16.70
HO1 GOL F . 17.52 -2.03 -15.68
H2 GOL F . 18.29 -1.10 -18.83
HO2 GOL F . 17.78 -3.00 -20.00
H31 GOL F . 20.31 -3.24 -19.49
H32 GOL F . 20.84 -1.65 -18.88
HO3 GOL F . 19.93 -2.24 -21.34
#